data_6TVE
#
_entry.id   6TVE
#
_cell.length_a   67.316
_cell.length_b   131.380
_cell.length_c   66.195
_cell.angle_alpha   90.000
_cell.angle_beta   90.000
_cell.angle_gamma   90.000
#
_symmetry.space_group_name_H-M   'P 21 21 2'
#
loop_
_entity.id
_entity.type
_entity.pdbx_description
1 polymer "5'-nucleotidase"
2 non-polymer 'CALCIUM ION'
3 non-polymer 'ZINC ION'
4 non-polymer 'DIMETHYL SULFOXIDE'
5 non-polymer GLYCEROL
6 water water
#
_entity_poly.entity_id   1
_entity_poly.type   'polypeptide(L)'
_entity_poly.pdbx_seq_one_letter_code
;MAHHHHHHVGTGSNDDDDKSPDPWELTILHTNDVHSRLEQTSEDSSKCVDASRCMGGVARLFTKVQQIRRAEPNVLLLDA
GDQYQGTIWFTVYKGAEVAHFMNALRYDAMALGNHEFDNGVEGLIEPLLKEAKFPILSANISASGPLASQISGLYLPYKV
LPVGDEVVGIVGYTSKETPFLSNPGTNLVFEDEITALQPEVDKLKTLNVNKIIALGHSGFEMDKLIAQKVRGVDVVVGGH
SNTFLYTGNPPSKEVPAGKYPFIVTSDDGRKVPVVQAYAFGKYLGYLKIEFDERGNVISSHGNPILLDSSIPEDPSIKAD
INKWRIKLDDYSTQELGKTIVYLDGSSQSCRFRECNMGNLICDAMINNNLRHADEMFWNHVSMCILNGGGIRSPIDERND
GTITWENLAAVLPFGGTFDLVQLKGSTLKKAFEHSVHRYGQSTGEFLQVGGIHVVYDLSRKPGDRVVKLDVLCTSCRVPS
YDPLKMDEVYKVILPNFLANGGDGFQMIKDELLRHDSGDQDINVVSTYISKMKVIYPAVEGRIKFS
;
_entity_poly.pdbx_strand_id   P
#
loop_
_chem_comp.id
_chem_comp.type
_chem_comp.name
_chem_comp.formula
CA non-polymer 'CALCIUM ION' 'Ca 2'
DMS non-polymer 'DIMETHYL SULFOXIDE' 'C2 H6 O S'
GOL non-polymer GLYCEROL 'C3 H8 O3'
ZN non-polymer 'ZINC ION' 'Zn 2'
#
# COMPACT_ATOMS: atom_id res chain seq x y z
N PRO A 23 22.67 15.54 26.99
CA PRO A 23 22.00 15.37 25.70
C PRO A 23 20.50 15.56 25.79
N TRP A 24 19.88 15.98 24.68
CA TRP A 24 18.44 16.14 24.60
C TRP A 24 17.88 14.91 23.89
N GLU A 25 16.99 14.19 24.55
CA GLU A 25 16.50 12.91 24.04
C GLU A 25 15.09 13.03 23.47
N LEU A 26 14.93 12.57 22.24
CA LEU A 26 13.65 12.57 21.56
C LEU A 26 13.20 11.13 21.32
N THR A 27 11.94 10.86 21.62
CA THR A 27 11.32 9.58 21.29
C THR A 27 10.41 9.78 20.09
N ILE A 28 10.74 9.10 18.99
CA ILE A 28 9.94 9.12 17.77
C ILE A 28 9.10 7.85 17.73
N LEU A 29 7.79 8.02 17.78
CA LEU A 29 6.83 6.97 17.56
C LEU A 29 6.33 7.10 16.14
N HIS A 30 6.25 6.00 15.40
CA HIS A 30 5.90 6.15 13.99
C HIS A 30 5.13 4.95 13.46
N THR A 31 4.18 5.27 12.57
CA THR A 31 3.44 4.29 11.80
C THR A 31 3.57 4.63 10.31
N ASN A 32 3.33 3.61 9.47
CA ASN A 32 3.31 3.79 8.03
C ASN A 32 2.48 2.68 7.42
N ASP A 33 1.84 2.98 6.29
CA ASP A 33 1.10 1.97 5.54
C ASP A 33 0.08 1.25 6.41
N VAL A 34 -0.58 2.03 7.29
CA VAL A 34 -1.64 1.47 8.12
C VAL A 34 -2.77 0.92 7.27
N HIS A 35 -3.07 1.56 6.14
CA HIS A 35 -3.97 0.98 5.13
C HIS A 35 -5.30 0.54 5.74
N SER A 36 -5.92 1.46 6.46
N SER A 36 -5.95 1.48 6.41
CA SER A 36 -7.33 1.33 6.80
CA SER A 36 -7.34 1.35 6.82
C SER A 36 -7.56 0.22 7.82
C SER A 36 -7.57 0.23 7.83
N ARG A 37 -6.52 -0.17 8.55
CA ARG A 37 -6.67 -1.17 9.62
C ARG A 37 -7.06 -0.47 10.92
N LEU A 38 -8.26 0.12 10.90
CA LEU A 38 -8.80 0.80 12.07
C LEU A 38 -9.10 -0.20 13.19
N GLU A 39 -9.65 -1.35 12.81
CA GLU A 39 -9.91 -2.43 13.75
C GLU A 39 -8.68 -3.31 13.91
N GLN A 40 -8.59 -3.97 15.05
CA GLN A 40 -7.58 -5.00 15.21
C GLN A 40 -7.76 -6.07 14.13
N THR A 41 -6.67 -6.76 13.82
CA THR A 41 -6.56 -7.70 12.72
C THR A 41 -6.09 -9.04 13.23
N SER A 42 -6.15 -10.05 12.36
CA SER A 42 -5.43 -11.27 12.62
C SER A 42 -3.92 -11.03 12.55
N GLU A 43 -3.16 -12.08 12.88
CA GLU A 43 -1.70 -12.02 12.83
C GLU A 43 -1.18 -11.68 11.44
N ASP A 44 -1.89 -12.09 10.39
CA ASP A 44 -1.47 -11.81 9.03
C ASP A 44 -2.14 -10.57 8.47
N SER A 45 -2.78 -9.76 9.32
CA SER A 45 -3.36 -8.47 8.96
C SER A 45 -4.61 -8.60 8.13
N SER A 46 -5.28 -9.73 8.22
CA SER A 46 -6.60 -9.91 7.64
C SER A 46 -7.64 -9.75 8.76
N LYS A 47 -8.87 -10.16 8.50
CA LYS A 47 -9.92 -9.96 9.47
C LYS A 47 -9.60 -10.69 10.78
N CYS A 48 -9.83 -10.01 11.90
CA CYS A 48 -9.68 -10.61 13.22
C CYS A 48 -10.77 -11.64 13.46
N VAL A 49 -10.36 -12.88 13.74
CA VAL A 49 -11.28 -13.97 14.03
C VAL A 49 -11.16 -14.43 15.48
N ASP A 50 -9.93 -14.71 15.93
CA ASP A 50 -9.67 -15.18 17.28
C ASP A 50 -9.10 -14.02 18.08
N ALA A 51 -9.95 -13.32 18.82
CA ALA A 51 -9.56 -12.05 19.44
C ALA A 51 -8.31 -12.21 20.30
N SER A 52 -8.17 -13.32 21.03
CA SER A 52 -7.01 -13.51 21.88
C SER A 52 -5.70 -13.51 21.11
N ARG A 53 -5.76 -13.64 19.77
CA ARG A 53 -4.59 -13.60 18.93
C ARG A 53 -4.62 -12.44 17.95
N CYS A 54 -5.48 -11.45 18.16
CA CYS A 54 -5.55 -10.33 17.24
C CYS A 54 -4.57 -9.24 17.66
N MET A 55 -4.34 -8.32 16.72
CA MET A 55 -3.23 -7.39 16.84
C MET A 55 -3.61 -6.05 16.22
N GLY A 56 -2.86 -5.02 16.61
CA GLY A 56 -3.04 -3.73 16.00
C GLY A 56 -4.40 -3.11 16.27
N GLY A 57 -4.83 -2.29 15.33
CA GLY A 57 -6.00 -1.46 15.45
C GLY A 57 -5.69 -0.18 16.22
N VAL A 58 -6.53 0.84 16.01
CA VAL A 58 -6.27 2.14 16.63
C VAL A 58 -6.54 2.14 18.13
N ALA A 59 -7.47 1.32 18.61
CA ALA A 59 -7.74 1.33 20.06
C ALA A 59 -6.52 0.83 20.84
N ARG A 60 -5.87 -0.21 20.33
CA ARG A 60 -4.67 -0.74 20.98
C ARG A 60 -3.50 0.22 20.81
N LEU A 61 -3.35 0.79 19.62
CA LEU A 61 -2.33 1.80 19.39
C LEU A 61 -2.48 2.95 20.39
N PHE A 62 -3.72 3.40 20.62
CA PHE A 62 -3.98 4.46 21.58
C PHE A 62 -3.40 4.11 22.93
N THR A 63 -3.69 2.90 23.43
CA THR A 63 -3.18 2.51 24.74
C THR A 63 -1.67 2.64 24.80
N LYS A 64 -0.98 2.12 23.80
CA LYS A 64 0.48 2.11 23.86
C LYS A 64 1.06 3.51 23.74
N VAL A 65 0.53 4.32 22.82
CA VAL A 65 1.01 5.70 22.69
C VAL A 65 0.80 6.46 23.99
N GLN A 66 -0.39 6.32 24.59
CA GLN A 66 -0.66 7.01 25.85
C GLN A 66 0.33 6.59 26.93
N GLN A 67 0.59 5.27 27.04
N GLN A 67 0.61 5.29 27.01
CA GLN A 67 1.57 4.79 28.00
CA GLN A 67 1.56 4.79 28.01
C GLN A 67 2.92 5.46 27.81
C GLN A 67 2.95 5.41 27.81
N ILE A 68 3.41 5.50 26.56
CA ILE A 68 4.73 6.05 26.30
C ILE A 68 4.76 7.53 26.62
N ARG A 69 3.69 8.26 26.27
CA ARG A 69 3.64 9.69 26.56
C ARG A 69 3.57 9.98 28.06
N ARG A 70 3.11 9.04 28.88
CA ARG A 70 3.18 9.25 30.32
C ARG A 70 4.61 9.20 30.83
N ALA A 71 5.46 8.42 30.18
CA ALA A 71 6.79 8.10 30.67
C ALA A 71 7.90 8.95 30.08
N GLU A 72 7.79 9.38 28.82
N GLU A 72 7.75 9.45 28.87
CA GLU A 72 8.87 10.04 28.10
CA GLU A 72 8.88 10.06 28.17
C GLU A 72 8.55 11.52 27.90
C GLU A 72 8.59 11.51 27.83
N PRO A 73 9.49 12.43 28.19
CA PRO A 73 9.15 13.87 28.10
C PRO A 73 9.00 14.41 26.70
N ASN A 74 9.81 13.95 25.75
CA ASN A 74 9.89 14.54 24.41
C ASN A 74 9.47 13.47 23.41
N VAL A 75 8.22 13.51 22.96
CA VAL A 75 7.66 12.49 22.08
C VAL A 75 7.05 13.15 20.86
N LEU A 76 7.33 12.58 19.70
CA LEU A 76 6.58 12.88 18.48
C LEU A 76 5.96 11.60 17.95
N LEU A 77 4.70 11.68 17.55
CA LEU A 77 3.98 10.59 16.90
C LEU A 77 3.78 10.98 15.44
N LEU A 78 4.41 10.23 14.53
CA LEU A 78 4.49 10.55 13.12
C LEU A 78 3.89 9.43 12.28
N ASP A 79 3.27 9.78 11.16
CA ASP A 79 2.80 8.79 10.19
C ASP A 79 3.45 9.09 8.85
N ALA A 80 4.01 8.06 8.21
CA ALA A 80 4.71 8.22 6.95
C ALA A 80 3.84 7.91 5.73
N GLY A 81 2.52 8.00 5.87
CA GLY A 81 1.61 7.97 4.75
C GLY A 81 0.95 6.61 4.55
N ASP A 82 -0.03 6.62 3.64
CA ASP A 82 -0.80 5.43 3.28
C ASP A 82 -1.68 4.94 4.44
N GLN A 83 -2.36 5.89 5.07
CA GLN A 83 -3.53 5.58 5.88
C GLN A 83 -4.72 5.22 5.00
N TYR A 84 -4.88 5.91 3.87
CA TYR A 84 -5.93 5.60 2.90
C TYR A 84 -5.72 4.20 2.34
N GLN A 85 -6.85 3.54 2.00
CA GLN A 85 -6.98 2.32 1.21
C GLN A 85 -6.66 1.08 2.01
N GLY A 86 -7.58 0.11 2.05
CA GLY A 86 -7.23 -1.18 2.59
C GLY A 86 -8.37 -2.03 3.11
N THR A 87 -9.45 -1.40 3.59
CA THR A 87 -10.60 -2.12 4.10
C THR A 87 -11.86 -1.33 3.78
N ILE A 88 -12.99 -1.95 4.10
CA ILE A 88 -14.31 -1.33 3.95
C ILE A 88 -14.42 0.00 4.68
N TRP A 89 -13.60 0.23 5.72
CA TRP A 89 -13.60 1.55 6.37
C TRP A 89 -13.36 2.66 5.37
N PHE A 90 -12.34 2.49 4.53
CA PHE A 90 -12.02 3.50 3.53
C PHE A 90 -13.08 3.58 2.44
N THR A 91 -13.60 2.43 2.03
CA THR A 91 -14.67 2.40 1.02
C THR A 91 -15.84 3.28 1.44
N VAL A 92 -16.24 3.18 2.70
CA VAL A 92 -17.44 3.86 3.17
C VAL A 92 -17.16 5.28 3.63
N TYR A 93 -16.11 5.45 4.44
CA TYR A 93 -15.86 6.74 5.08
C TYR A 93 -14.87 7.62 4.31
N LYS A 94 -14.11 7.05 3.38
CA LYS A 94 -13.39 7.81 2.35
C LYS A 94 -12.37 8.78 2.94
N GLY A 95 -11.80 8.44 4.08
CA GLY A 95 -10.80 9.27 4.72
C GLY A 95 -11.30 10.01 5.95
N ALA A 96 -12.62 10.12 6.14
CA ALA A 96 -13.12 10.76 7.35
C ALA A 96 -12.72 9.98 8.59
N GLU A 97 -12.60 8.65 8.46
CA GLU A 97 -12.14 7.81 9.56
C GLU A 97 -10.67 8.06 9.88
N VAL A 98 -9.89 8.38 8.85
CA VAL A 98 -8.47 8.68 9.05
C VAL A 98 -8.32 9.97 9.85
N ALA A 99 -8.97 11.04 9.40
CA ALA A 99 -8.87 12.28 10.15
C ALA A 99 -9.37 12.09 11.57
N HIS A 100 -10.51 11.43 11.75
CA HIS A 100 -11.11 11.31 13.08
C HIS A 100 -10.21 10.55 14.04
N PHE A 101 -9.75 9.36 13.64
CA PHE A 101 -8.98 8.54 14.54
C PHE A 101 -7.53 9.00 14.68
N MET A 102 -6.92 9.54 13.63
CA MET A 102 -5.60 10.15 13.82
C MET A 102 -5.67 11.37 14.74
N ASN A 103 -6.74 12.15 14.63
CA ASN A 103 -6.93 13.25 15.56
C ASN A 103 -7.08 12.74 16.98
N ALA A 104 -7.83 11.65 17.17
CA ALA A 104 -8.02 11.11 18.52
C ALA A 104 -6.70 10.61 19.12
N LEU A 105 -5.83 10.05 18.27
N LEU A 105 -5.83 10.03 18.30
CA LEU A 105 -4.51 9.59 18.69
CA LEU A 105 -4.54 9.57 18.79
C LEU A 105 -3.56 10.76 18.93
C LEU A 105 -3.52 10.69 18.89
N ARG A 106 -3.90 11.94 18.42
N ARG A 106 -3.88 11.91 18.46
CA ARG A 106 -3.08 13.13 18.51
CA ARG A 106 -3.02 13.08 18.56
C ARG A 106 -1.74 12.94 17.79
C ARG A 106 -1.70 12.87 17.82
N TYR A 107 -1.80 12.46 16.56
CA TYR A 107 -0.61 12.49 15.70
C TYR A 107 -0.06 13.91 15.65
N ASP A 108 1.27 14.01 15.59
CA ASP A 108 1.95 15.28 15.47
C ASP A 108 2.20 15.71 14.04
N ALA A 109 2.34 14.78 13.10
CA ALA A 109 2.53 15.11 11.70
C ALA A 109 2.34 13.85 10.87
N MET A 110 2.01 14.06 9.60
CA MET A 110 1.85 12.97 8.64
C MET A 110 2.42 13.40 7.31
N ALA A 111 3.11 12.50 6.61
CA ALA A 111 3.48 12.71 5.21
C ALA A 111 2.45 12.09 4.29
N LEU A 112 2.25 12.72 3.13
CA LEU A 112 1.37 12.15 2.13
C LEU A 112 1.99 10.91 1.48
N GLY A 113 1.20 9.83 1.43
CA GLY A 113 1.57 8.65 0.69
C GLY A 113 0.88 8.60 -0.66
N ASN A 114 1.28 7.62 -1.47
CA ASN A 114 0.63 7.49 -2.77
C ASN A 114 -0.86 7.25 -2.66
N HIS A 115 -1.29 6.38 -1.72
CA HIS A 115 -2.70 6.04 -1.65
C HIS A 115 -3.57 7.18 -1.14
N GLU A 116 -2.98 8.23 -0.56
CA GLU A 116 -3.78 9.42 -0.23
C GLU A 116 -4.36 10.10 -1.47
N PHE A 117 -3.93 9.71 -2.68
CA PHE A 117 -4.47 10.22 -3.94
C PHE A 117 -5.46 9.28 -4.61
N ASP A 118 -5.89 8.22 -3.92
CA ASP A 118 -6.71 7.22 -4.58
C ASP A 118 -8.06 7.77 -5.03
N ASN A 119 -8.62 8.73 -4.30
CA ASN A 119 -9.88 9.39 -4.66
C ASN A 119 -9.63 10.77 -5.27
N GLY A 120 -8.48 10.94 -5.91
CA GLY A 120 -8.14 12.20 -6.54
C GLY A 120 -7.75 13.24 -5.52
N VAL A 121 -7.35 14.40 -6.03
N VAL A 121 -7.33 14.39 -6.05
CA VAL A 121 -7.00 15.47 -5.12
CA VAL A 121 -7.02 15.53 -5.19
C VAL A 121 -8.22 15.95 -4.34
C VAL A 121 -8.23 15.88 -4.34
N GLU A 122 -9.42 15.89 -4.95
CA GLU A 122 -10.62 16.28 -4.22
C GLU A 122 -10.86 15.38 -3.00
N GLY A 123 -10.57 14.09 -3.15
CA GLY A 123 -10.76 13.13 -2.07
C GLY A 123 -9.69 13.15 -1.01
N LEU A 124 -8.65 13.96 -1.23
CA LEU A 124 -7.62 14.24 -0.25
C LEU A 124 -7.93 15.55 0.48
N ILE A 125 -8.24 16.61 -0.27
CA ILE A 125 -8.55 17.91 0.33
C ILE A 125 -9.70 17.77 1.31
N GLU A 126 -10.77 17.10 0.87
N GLU A 126 -10.82 17.20 0.88
CA GLU A 126 -11.91 16.72 1.69
CA GLU A 126 -12.02 17.41 1.68
C GLU A 126 -11.99 15.20 1.67
C GLU A 126 -12.03 16.57 2.95
N PRO A 127 -11.90 14.51 2.81
N PRO A 127 -11.78 15.27 2.86
CA PRO A 127 -11.91 15.07 4.17
CA PRO A 127 -11.89 14.44 4.07
C PRO A 127 -10.57 15.40 4.85
C PRO A 127 -10.68 14.54 4.98
N LEU A 128 -9.48 14.76 4.42
CA LEU A 128 -8.28 14.72 5.24
C LEU A 128 -7.62 16.07 5.46
N LEU A 129 -7.26 16.78 4.40
CA LEU A 129 -6.50 18.01 4.61
C LEU A 129 -7.31 19.04 5.39
N LYS A 130 -8.61 19.10 5.19
CA LYS A 130 -9.40 20.10 5.87
C LYS A 130 -9.76 19.70 7.29
N GLU A 131 -9.67 18.41 7.64
CA GLU A 131 -10.12 17.94 8.94
C GLU A 131 -9.02 17.51 9.90
N ALA A 132 -7.81 17.28 9.41
CA ALA A 132 -6.72 16.89 10.29
C ALA A 132 -6.35 18.04 11.22
N LYS A 133 -6.04 17.70 12.47
CA LYS A 133 -5.60 18.69 13.44
C LYS A 133 -4.08 18.77 13.54
N PHE A 134 -3.38 18.11 12.64
CA PHE A 134 -1.93 18.05 12.59
C PHE A 134 -1.50 18.39 11.17
N PRO A 135 -0.26 18.86 11.01
CA PRO A 135 0.24 19.19 9.67
C PRO A 135 0.44 17.96 8.82
N ILE A 136 0.12 18.12 7.54
CA ILE A 136 0.29 17.09 6.53
C ILE A 136 1.31 17.61 5.52
N LEU A 137 2.31 16.79 5.23
CA LEU A 137 3.56 17.25 4.66
C LEU A 137 3.92 16.55 3.36
N SER A 138 4.43 17.34 2.41
CA SER A 138 5.17 16.81 1.27
C SER A 138 5.88 17.96 0.56
N ALA A 139 7.19 17.88 0.45
CA ALA A 139 8.00 18.95 -0.14
C ALA A 139 8.18 18.81 -1.64
N ASN A 140 7.76 17.68 -2.24
CA ASN A 140 8.05 17.42 -3.65
C ASN A 140 6.80 17.31 -4.51
N ILE A 141 5.69 17.87 -4.07
CA ILE A 141 4.46 17.91 -4.86
C ILE A 141 4.12 19.37 -5.11
N SER A 142 3.93 19.74 -6.37
CA SER A 142 3.53 21.09 -6.70
C SER A 142 2.31 21.05 -7.61
N ALA A 143 1.54 22.12 -7.58
CA ALA A 143 0.34 22.28 -8.38
C ALA A 143 0.47 23.54 -9.22
N SER A 144 -0.41 23.67 -10.20
CA SER A 144 -0.45 24.87 -11.04
C SER A 144 -1.89 25.27 -11.28
N GLY A 145 -2.08 26.48 -11.81
CA GLY A 145 -3.40 26.94 -12.16
C GLY A 145 -4.31 27.05 -10.95
N PRO A 146 -5.62 26.95 -11.19
CA PRO A 146 -6.57 27.08 -10.07
C PRO A 146 -6.33 26.08 -8.94
N LEU A 147 -5.92 24.84 -9.23
CA LEU A 147 -5.66 23.89 -8.15
C LEU A 147 -4.61 24.43 -7.19
N ALA A 148 -3.57 25.09 -7.72
CA ALA A 148 -2.54 25.63 -6.83
C ALA A 148 -3.15 26.58 -5.81
N SER A 149 -4.06 27.45 -6.25
CA SER A 149 -4.71 28.35 -5.30
C SER A 149 -5.63 27.60 -4.35
N GLN A 150 -6.33 26.58 -4.85
N GLN A 150 -6.34 26.59 -4.86
CA GLN A 150 -7.26 25.84 -4.01
CA GLN A 150 -7.26 25.81 -4.03
C GLN A 150 -6.55 25.08 -2.89
C GLN A 150 -6.52 25.13 -2.88
N ILE A 151 -5.34 24.58 -3.15
CA ILE A 151 -4.67 23.69 -2.20
C ILE A 151 -3.58 24.40 -1.41
N SER A 152 -3.28 25.65 -1.72
CA SER A 152 -2.15 26.34 -1.11
C SER A 152 -2.23 26.31 0.40
N GLY A 153 -1.18 25.82 1.04
CA GLY A 153 -1.11 25.78 2.48
C GLY A 153 -1.84 24.63 3.13
N LEU A 154 -2.61 23.83 2.38
CA LEU A 154 -3.33 22.71 2.99
C LEU A 154 -2.43 21.52 3.24
N TYR A 155 -1.34 21.40 2.50
CA TYR A 155 -0.20 20.57 2.87
C TYR A 155 1.02 21.47 2.75
N LEU A 156 2.10 21.09 3.43
CA LEU A 156 3.26 21.95 3.58
C LEU A 156 4.53 21.18 3.25
N PRO A 157 5.59 21.86 2.83
CA PRO A 157 6.85 21.12 2.62
C PRO A 157 7.42 20.60 3.92
N TYR A 158 7.25 21.36 5.00
CA TYR A 158 7.77 21.01 6.30
C TYR A 158 6.96 21.75 7.36
N LYS A 159 7.15 21.34 8.60
N LYS A 159 7.14 21.33 8.61
CA LYS A 159 6.61 22.06 9.75
CA LYS A 159 6.64 22.07 9.74
C LYS A 159 7.63 22.00 10.89
C LYS A 159 7.68 22.02 10.84
N VAL A 160 7.87 23.13 11.53
CA VAL A 160 8.74 23.20 12.69
C VAL A 160 7.84 23.07 13.91
N LEU A 161 8.08 22.03 14.72
N LEU A 161 8.07 22.02 14.70
CA LEU A 161 7.23 21.71 15.86
CA LEU A 161 7.21 21.73 15.85
C LEU A 161 7.94 21.96 17.16
C LEU A 161 7.96 21.97 17.16
N PRO A 162 7.30 22.60 18.14
CA PRO A 162 7.89 22.69 19.47
C PRO A 162 7.82 21.34 20.15
N VAL A 163 8.91 20.95 20.81
CA VAL A 163 8.98 19.74 21.61
C VAL A 163 9.71 20.11 22.90
N GLY A 164 9.00 20.12 24.01
CA GLY A 164 9.61 20.64 25.22
C GLY A 164 10.07 22.06 24.99
N ASP A 165 11.32 22.35 25.35
CA ASP A 165 11.91 23.66 25.16
C ASP A 165 12.64 23.79 23.83
N GLU A 166 12.58 22.78 22.97
CA GLU A 166 13.31 22.76 21.73
C GLU A 166 12.31 22.80 20.56
N VAL A 167 12.85 22.81 19.34
CA VAL A 167 12.04 22.65 18.14
C VAL A 167 12.66 21.57 17.28
N VAL A 168 11.81 20.91 16.51
CA VAL A 168 12.23 19.88 15.56
C VAL A 168 11.56 20.18 14.23
N GLY A 169 12.34 20.22 13.16
CA GLY A 169 11.79 20.38 11.82
C GLY A 169 11.47 19.02 11.22
N ILE A 170 10.30 18.92 10.60
N ILE A 170 10.25 18.90 10.69
CA ILE A 170 9.89 17.69 9.92
CA ILE A 170 9.79 17.69 10.01
C ILE A 170 9.59 18.04 8.47
C ILE A 170 9.56 18.08 8.55
N VAL A 171 10.34 17.45 7.54
N VAL A 171 10.28 17.42 7.64
CA VAL A 171 10.23 17.72 6.11
CA VAL A 171 10.16 17.68 6.21
C VAL A 171 9.68 16.48 5.43
C VAL A 171 9.58 16.44 5.55
N GLY A 172 8.61 16.65 4.64
CA GLY A 172 7.91 15.54 4.04
C GLY A 172 8.30 15.24 2.61
N TYR A 173 8.00 14.03 2.15
CA TYR A 173 8.19 13.67 0.75
C TYR A 173 7.26 12.51 0.39
N THR A 174 6.96 12.40 -0.91
CA THR A 174 6.02 11.43 -1.44
C THR A 174 6.56 10.81 -2.72
N SER A 175 6.33 9.51 -2.91
CA SER A 175 6.88 8.80 -4.07
C SER A 175 6.71 9.60 -5.36
N LYS A 176 7.82 9.75 -6.09
CA LYS A 176 7.78 10.34 -7.41
C LYS A 176 6.95 9.50 -8.37
N GLU A 177 6.74 8.22 -8.05
CA GLU A 177 5.99 7.31 -8.89
C GLU A 177 4.49 7.33 -8.63
N THR A 178 4.02 8.21 -7.75
CA THR A 178 2.60 8.27 -7.41
C THR A 178 1.67 8.32 -8.62
N PRO A 179 1.96 9.03 -9.71
CA PRO A 179 1.05 9.02 -10.87
C PRO A 179 0.78 7.63 -11.44
N PHE A 180 1.68 6.67 -11.24
CA PHE A 180 1.48 5.30 -11.70
C PHE A 180 0.84 4.40 -10.66
N LEU A 181 0.66 4.90 -9.43
CA LEU A 181 0.34 4.11 -8.26
C LEU A 181 -0.85 4.65 -7.49
N SER A 182 -1.59 5.59 -8.10
CA SER A 182 -2.77 6.21 -7.53
C SER A 182 -3.36 7.15 -8.57
N ASN A 183 -4.29 8.01 -8.17
CA ASN A 183 -5.06 8.85 -9.08
C ASN A 183 -4.90 10.34 -8.79
N PRO A 184 -3.67 10.85 -8.77
CA PRO A 184 -3.46 12.27 -8.42
C PRO A 184 -3.94 13.26 -9.46
N GLY A 185 -4.25 12.84 -10.68
CA GLY A 185 -4.68 13.76 -11.72
C GLY A 185 -3.51 14.26 -12.55
N THR A 186 -3.81 15.22 -13.41
CA THR A 186 -2.84 15.69 -14.39
C THR A 186 -2.24 17.05 -14.04
N ASN A 187 -2.66 17.66 -12.94
CA ASN A 187 -2.11 18.95 -12.57
C ASN A 187 -0.89 18.77 -11.68
N LEU A 188 -1.01 17.97 -10.63
CA LEU A 188 0.08 17.84 -9.68
C LEU A 188 1.32 17.27 -10.34
N VAL A 189 2.48 17.79 -9.94
CA VAL A 189 3.77 17.30 -10.38
C VAL A 189 4.53 16.77 -9.18
N PHE A 190 5.02 15.53 -9.30
CA PHE A 190 5.83 14.89 -8.27
C PHE A 190 7.28 15.00 -8.70
N GLU A 191 8.05 15.80 -7.97
CA GLU A 191 9.46 16.06 -8.26
C GLU A 191 10.33 14.99 -7.61
N ASP A 192 11.52 14.82 -8.16
CA ASP A 192 12.53 14.00 -7.51
C ASP A 192 12.67 14.38 -6.05
N GLU A 193 12.67 13.39 -5.18
CA GLU A 193 12.61 13.64 -3.73
C GLU A 193 13.84 14.40 -3.25
N ILE A 194 15.04 13.92 -3.60
CA ILE A 194 16.26 14.55 -3.09
C ILE A 194 16.39 15.97 -3.61
N THR A 195 16.06 16.20 -4.90
CA THR A 195 16.12 17.54 -5.47
C THR A 195 15.22 18.50 -4.71
N ALA A 196 14.01 18.07 -4.35
CA ALA A 196 13.07 18.93 -3.66
C ALA A 196 13.45 19.12 -2.19
N LEU A 197 13.96 18.07 -1.55
CA LEU A 197 14.21 18.12 -0.11
C LEU A 197 15.39 19.02 0.23
N GLN A 198 16.47 18.99 -0.55
CA GLN A 198 17.68 19.65 -0.08
C GLN A 198 17.47 21.14 0.16
N PRO A 199 16.85 21.91 -0.72
CA PRO A 199 16.69 23.35 -0.43
C PRO A 199 15.85 23.60 0.80
N GLU A 200 14.86 22.74 1.08
CA GLU A 200 14.04 22.96 2.27
C GLU A 200 14.85 22.70 3.54
N VAL A 201 15.68 21.66 3.52
CA VAL A 201 16.52 21.37 4.68
C VAL A 201 17.55 22.47 4.88
N ASP A 202 18.12 23.00 3.80
CA ASP A 202 19.04 24.12 3.95
C ASP A 202 18.31 25.36 4.46
N LYS A 203 17.07 25.58 4.02
CA LYS A 203 16.32 26.73 4.55
C LYS A 203 16.12 26.60 6.05
N LEU A 204 15.77 25.40 6.51
CA LEU A 204 15.60 25.18 7.95
C LEU A 204 16.89 25.52 8.71
N LYS A 205 18.04 25.16 8.17
CA LYS A 205 19.30 25.51 8.82
C LYS A 205 19.44 27.03 8.97
N THR A 206 19.05 27.80 7.95
CA THR A 206 19.16 29.24 8.06
C THR A 206 18.20 29.82 9.09
N LEU A 207 17.16 29.07 9.44
CA LEU A 207 16.19 29.47 10.45
C LEU A 207 16.52 28.92 11.83
N ASN A 208 17.74 28.41 12.03
CA ASN A 208 18.20 27.94 13.34
C ASN A 208 17.45 26.70 13.80
N VAL A 209 17.06 25.85 12.86
CA VAL A 209 16.46 24.56 13.18
C VAL A 209 17.52 23.51 12.87
N ASN A 210 18.09 22.91 13.93
CA ASN A 210 19.23 22.01 13.82
C ASN A 210 18.89 20.55 14.04
N LYS A 211 17.63 20.22 14.32
CA LYS A 211 17.15 18.86 14.48
C LYS A 211 16.09 18.65 13.41
N ILE A 212 16.36 17.75 12.46
CA ILE A 212 15.55 17.64 11.25
C ILE A 212 15.24 16.16 10.99
N ILE A 213 13.95 15.85 10.90
CA ILE A 213 13.45 14.53 10.53
C ILE A 213 12.90 14.62 9.12
N ALA A 214 13.33 13.71 8.25
CA ALA A 214 12.69 13.54 6.95
C ALA A 214 11.65 12.42 7.11
N LEU A 215 10.38 12.75 6.87
CA LEU A 215 9.24 11.86 7.04
C LEU A 215 8.59 11.71 5.68
N GLY A 216 8.56 10.50 5.13
CA GLY A 216 8.02 10.44 3.79
C GLY A 216 7.81 9.04 3.27
N HIS A 217 7.35 8.99 2.00
CA HIS A 217 6.64 7.85 1.49
C HIS A 217 7.11 7.46 0.08
N SER A 218 8.33 6.92 0.00
CA SER A 218 8.93 6.54 -1.26
C SER A 218 9.54 5.14 -1.26
N GLY A 219 9.63 4.47 -0.12
CA GLY A 219 10.20 3.16 -0.03
C GLY A 219 11.60 3.19 0.59
N PHE A 220 11.96 2.06 1.20
CA PHE A 220 13.22 1.92 1.92
C PHE A 220 14.43 2.25 1.05
N GLU A 221 14.44 1.85 -0.22
CA GLU A 221 15.60 2.16 -1.04
C GLU A 221 15.79 3.67 -1.21
N MET A 222 14.71 4.39 -1.49
CA MET A 222 14.82 5.84 -1.59
C MET A 222 15.13 6.46 -0.24
N ASP A 223 14.57 5.91 0.84
CA ASP A 223 14.87 6.44 2.17
C ASP A 223 16.36 6.40 2.44
N LYS A 224 17.03 5.31 2.05
CA LYS A 224 18.48 5.21 2.28
C LYS A 224 19.24 6.24 1.44
N LEU A 225 18.78 6.50 0.21
CA LEU A 225 19.41 7.51 -0.62
C LEU A 225 19.23 8.90 -0.02
N ILE A 226 18.04 9.20 0.51
CA ILE A 226 17.80 10.47 1.18
C ILE A 226 18.73 10.64 2.37
N ALA A 227 18.84 9.59 3.19
CA ALA A 227 19.74 9.64 4.34
C ALA A 227 21.17 9.89 3.90
N GLN A 228 21.57 9.31 2.78
CA GLN A 228 22.95 9.48 2.31
C GLN A 228 23.19 10.87 1.75
N LYS A 229 22.23 11.41 1.01
CA LYS A 229 22.51 12.53 0.12
C LYS A 229 21.93 13.86 0.57
N VAL A 230 20.86 13.89 1.37
CA VAL A 230 20.26 15.14 1.80
C VAL A 230 20.99 15.62 3.05
N ARG A 231 21.90 16.58 2.86
CA ARG A 231 22.73 17.07 3.95
C ARG A 231 21.87 17.78 4.97
N GLY A 232 22.06 17.43 6.25
CA GLY A 232 21.32 18.03 7.33
C GLY A 232 20.17 17.20 7.84
N VAL A 233 19.78 16.14 7.14
CA VAL A 233 18.76 15.24 7.68
C VAL A 233 19.37 14.41 8.80
N ASP A 234 18.71 14.40 9.96
CA ASP A 234 19.21 13.67 11.11
C ASP A 234 18.66 12.25 11.21
N VAL A 235 17.46 12.01 10.71
N VAL A 235 17.44 12.04 10.74
CA VAL A 235 16.81 10.71 10.79
CA VAL A 235 16.72 10.77 10.83
C VAL A 235 15.76 10.67 9.69
C VAL A 235 15.81 10.71 9.61
N VAL A 236 15.62 9.51 9.06
CA VAL A 236 14.62 9.28 8.01
C VAL A 236 13.57 8.30 8.55
N VAL A 237 12.31 8.71 8.49
CA VAL A 237 11.16 7.89 8.90
C VAL A 237 10.35 7.64 7.64
N GLY A 238 10.37 6.39 7.16
CA GLY A 238 9.82 6.07 5.86
C GLY A 238 8.66 5.10 5.85
N GLY A 239 8.34 4.65 4.65
CA GLY A 239 7.15 3.86 4.39
C GLY A 239 7.16 3.34 2.97
N HIS A 240 5.96 2.94 2.52
CA HIS A 240 5.63 2.54 1.16
C HIS A 240 5.98 1.08 0.86
N SER A 241 7.19 0.65 1.21
CA SER A 241 7.68 -0.68 0.90
C SER A 241 7.33 -1.70 1.98
N ASN A 242 6.59 -1.29 3.01
CA ASN A 242 6.16 -2.20 4.07
C ASN A 242 7.34 -2.88 4.73
N THR A 243 8.43 -2.15 4.89
CA THR A 243 9.68 -2.75 5.33
C THR A 243 9.68 -2.97 6.83
N PHE A 244 10.04 -4.19 7.22
CA PHE A 244 10.22 -4.55 8.62
C PHE A 244 11.71 -4.56 8.94
N LEU A 245 12.08 -3.75 9.91
CA LEU A 245 13.44 -3.66 10.43
C LEU A 245 13.39 -4.03 11.91
N TYR A 246 14.40 -4.76 12.38
CA TYR A 246 14.38 -5.20 13.77
C TYR A 246 15.80 -5.48 14.23
N THR A 247 16.08 -5.16 15.49
CA THR A 247 17.34 -5.49 16.13
C THR A 247 17.09 -6.57 17.17
N GLY A 248 17.53 -7.78 16.90
CA GLY A 248 17.32 -8.91 17.78
C GLY A 248 16.39 -9.95 17.17
N ASN A 249 15.85 -10.81 18.04
CA ASN A 249 14.93 -11.86 17.59
C ASN A 249 13.58 -11.27 17.19
N PRO A 250 13.06 -11.56 16.02
CA PRO A 250 11.76 -11.00 15.63
C PRO A 250 10.66 -11.46 16.56
N PRO A 251 9.71 -10.57 16.90
CA PRO A 251 8.66 -10.94 17.84
C PRO A 251 7.48 -11.67 17.23
N SER A 252 7.38 -11.72 15.90
CA SER A 252 6.26 -12.35 15.21
C SER A 252 6.79 -13.02 13.93
N LYS A 253 5.96 -13.09 12.89
CA LYS A 253 6.33 -13.83 11.69
C LYS A 253 7.07 -13.01 10.65
N GLU A 254 7.06 -11.68 10.77
CA GLU A 254 7.76 -10.87 9.79
C GLU A 254 9.27 -11.05 9.94
N VAL A 255 9.94 -11.21 8.80
CA VAL A 255 11.38 -11.41 8.75
C VAL A 255 12.04 -10.07 8.47
N PRO A 256 12.97 -9.62 9.30
CA PRO A 256 13.55 -8.29 9.10
C PRO A 256 14.40 -8.19 7.84
N ALA A 257 14.31 -7.04 7.18
CA ALA A 257 15.17 -6.71 6.05
C ALA A 257 16.51 -6.13 6.50
N GLY A 258 16.65 -5.80 7.78
CA GLY A 258 17.85 -5.19 8.31
C GLY A 258 17.60 -4.81 9.75
N LYS A 259 18.62 -4.22 10.35
CA LYS A 259 18.52 -3.77 11.73
C LYS A 259 17.63 -2.55 11.85
N TYR A 260 17.13 -2.34 13.08
CA TYR A 260 16.38 -1.14 13.44
C TYR A 260 17.17 -0.34 14.45
N PRO A 261 17.54 0.92 14.19
CA PRO A 261 17.43 1.58 12.88
C PRO A 261 18.45 0.99 11.91
N PHE A 262 18.25 1.26 10.64
CA PHE A 262 19.23 0.94 9.62
C PHE A 262 20.14 2.14 9.46
N ILE A 263 21.45 1.96 9.61
CA ILE A 263 22.38 3.08 9.64
C ILE A 263 22.97 3.32 8.27
N VAL A 264 22.77 4.52 7.75
CA VAL A 264 23.38 4.99 6.53
C VAL A 264 24.53 5.92 6.89
N THR A 265 25.67 5.75 6.22
CA THR A 265 26.76 6.72 6.33
C THR A 265 26.54 7.78 5.27
N SER A 266 26.33 9.02 5.71
CA SER A 266 25.97 10.08 4.78
C SER A 266 27.20 10.63 4.07
N ASP A 267 26.95 11.27 2.91
N ASP A 267 26.97 11.29 2.94
CA ASP A 267 27.99 11.97 2.17
CA ASP A 267 28.06 11.89 2.18
C ASP A 267 28.78 12.90 3.07
C ASP A 267 28.72 13.05 2.92
N ASP A 268 28.10 13.59 3.97
CA ASP A 268 28.74 14.53 4.88
C ASP A 268 29.49 13.83 6.01
N GLY A 269 29.52 12.51 6.04
N GLY A 269 29.46 12.50 6.06
CA GLY A 269 30.25 11.83 7.09
CA GLY A 269 30.23 11.73 7.01
C GLY A 269 29.55 11.85 8.42
C GLY A 269 29.45 11.20 8.20
N ARG A 270 28.23 11.69 8.43
CA ARG A 270 27.46 11.39 9.62
C ARG A 270 26.83 10.01 9.51
N LYS A 271 26.37 9.49 10.64
CA LYS A 271 25.58 8.27 10.69
C LYS A 271 24.13 8.70 10.82
N VAL A 272 23.29 8.27 9.88
CA VAL A 272 21.90 8.70 9.77
C VAL A 272 21.01 7.47 9.93
N PRO A 273 20.21 7.39 11.00
CA PRO A 273 19.29 6.26 11.14
C PRO A 273 18.10 6.38 10.20
N VAL A 274 17.72 5.23 9.64
CA VAL A 274 16.56 5.07 8.77
C VAL A 274 15.63 4.05 9.42
N VAL A 275 14.36 4.40 9.56
CA VAL A 275 13.39 3.51 10.18
C VAL A 275 12.14 3.38 9.31
N GLN A 276 11.46 2.26 9.52
CA GLN A 276 10.16 1.94 8.95
C GLN A 276 9.54 0.94 9.94
N ALA A 277 8.23 0.72 9.83
CA ALA A 277 7.54 -0.13 10.81
C ALA A 277 6.48 -0.99 10.12
N TYR A 278 6.89 -1.73 9.09
CA TYR A 278 6.07 -2.76 8.43
C TYR A 278 4.83 -2.11 7.84
N ALA A 279 3.62 -2.54 8.19
CA ALA A 279 2.38 -2.04 7.60
C ALA A 279 1.24 -2.49 8.49
N PHE A 280 0.04 -2.01 8.20
CA PHE A 280 -1.22 -2.56 8.71
C PHE A 280 -1.44 -2.28 10.19
N GLY A 281 -0.68 -1.37 10.79
CA GLY A 281 -0.82 -1.05 12.20
C GLY A 281 -0.44 -2.17 13.15
N LYS A 282 0.28 -3.18 12.68
CA LYS A 282 0.66 -4.30 13.53
C LYS A 282 1.72 -3.91 14.55
N TYR A 283 2.58 -2.96 14.18
CA TYR A 283 3.66 -2.49 15.03
C TYR A 283 3.61 -0.98 15.19
N LEU A 284 4.08 -0.50 16.34
CA LEU A 284 4.40 0.90 16.55
C LEU A 284 5.91 1.07 16.50
N GLY A 285 6.42 1.83 15.53
CA GLY A 285 7.84 2.15 15.54
C GLY A 285 8.19 2.99 16.74
N TYR A 286 9.39 2.76 17.29
CA TYR A 286 9.84 3.43 18.51
C TYR A 286 11.36 3.61 18.40
N LEU A 287 11.79 4.86 18.24
CA LEU A 287 13.20 5.20 18.09
C LEU A 287 13.54 6.31 19.07
N LYS A 288 14.54 6.06 19.90
CA LYS A 288 15.07 7.09 20.80
C LYS A 288 16.35 7.65 20.22
N ILE A 289 16.40 8.97 20.10
CA ILE A 289 17.55 9.69 19.57
C ILE A 289 18.07 10.63 20.65
N GLU A 290 19.38 10.61 20.87
CA GLU A 290 20.04 11.61 21.68
C GLU A 290 20.71 12.62 20.77
N PHE A 291 20.44 13.90 21.01
CA PHE A 291 21.04 15.00 20.26
C PHE A 291 21.96 15.82 21.15
N ASP A 292 23.07 16.29 20.58
CA ASP A 292 23.87 17.29 21.27
C ASP A 292 23.26 18.68 21.06
N GLU A 293 23.91 19.68 21.66
CA GLU A 293 23.35 21.03 21.64
C GLU A 293 23.33 21.63 20.24
N ARG A 294 24.12 21.09 19.31
CA ARG A 294 24.16 21.58 17.94
C ARG A 294 23.26 20.79 17.02
N GLY A 295 22.48 19.87 17.56
CA GLY A 295 21.57 19.08 16.74
C GLY A 295 22.19 17.90 16.03
N ASN A 296 23.35 17.43 16.48
CA ASN A 296 23.94 16.21 15.92
C ASN A 296 23.46 15.02 16.71
N VAL A 297 23.15 13.93 15.99
CA VAL A 297 22.74 12.69 16.64
C VAL A 297 23.95 12.05 17.32
N ILE A 298 23.86 11.89 18.65
CA ILE A 298 24.88 11.20 19.45
C ILE A 298 24.65 9.69 19.43
N SER A 299 23.39 9.28 19.50
CA SER A 299 23.04 7.87 19.54
C SER A 299 21.60 7.73 19.07
N SER A 300 21.28 6.53 18.60
CA SER A 300 19.93 6.18 18.19
C SER A 300 19.74 4.71 18.48
N HIS A 301 18.60 4.35 19.07
CA HIS A 301 18.30 2.95 19.30
C HIS A 301 16.80 2.79 19.47
N GLY A 302 16.33 1.57 19.22
CA GLY A 302 14.93 1.28 19.45
C GLY A 302 14.52 -0.02 18.79
N ASN A 303 13.23 -0.14 18.56
CA ASN A 303 12.68 -1.29 17.86
C ASN A 303 11.19 -1.06 17.72
N PRO A 304 10.58 -1.57 16.66
CA PRO A 304 9.12 -1.55 16.60
C PRO A 304 8.55 -2.42 17.71
N ILE A 305 7.41 -2.00 18.24
CA ILE A 305 6.70 -2.70 19.30
C ILE A 305 5.53 -3.45 18.67
N LEU A 306 5.50 -4.77 18.85
CA LEU A 306 4.39 -5.57 18.35
C LEU A 306 3.14 -5.26 19.16
N LEU A 307 2.07 -4.85 18.48
CA LEU A 307 0.83 -4.50 19.15
C LEU A 307 -0.05 -5.74 19.26
N ASP A 308 0.34 -6.64 20.16
CA ASP A 308 -0.37 -7.89 20.33
C ASP A 308 -1.41 -7.77 21.45
N SER A 309 -2.10 -8.88 21.72
CA SER A 309 -3.25 -8.82 22.61
CA SER A 309 -3.24 -8.85 22.62
C SER A 309 -2.86 -8.63 24.07
N SER A 310 -1.58 -8.66 24.41
CA SER A 310 -1.16 -8.33 25.76
C SER A 310 -1.36 -6.85 26.07
N ILE A 311 -1.56 -6.02 25.04
CA ILE A 311 -1.85 -4.60 25.22
C ILE A 311 -3.35 -4.43 25.08
N PRO A 312 -4.05 -3.91 26.09
CA PRO A 312 -5.50 -3.79 25.96
C PRO A 312 -5.90 -2.72 24.96
N GLU A 313 -7.02 -2.95 24.28
CA GLU A 313 -7.64 -1.91 23.48
C GLU A 313 -8.22 -0.84 24.39
N ASP A 314 -7.93 0.42 24.09
CA ASP A 314 -8.50 1.49 24.89
C ASP A 314 -10.02 1.41 24.82
N PRO A 315 -10.72 1.37 25.97
CA PRO A 315 -12.19 1.19 25.89
C PRO A 315 -12.92 2.30 25.15
N SER A 316 -12.51 3.56 25.33
CA SER A 316 -13.22 4.66 24.68
C SER A 316 -13.04 4.62 23.17
N ILE A 317 -11.81 4.41 22.69
CA ILE A 317 -11.62 4.30 21.26
C ILE A 317 -12.38 3.10 20.71
N LYS A 318 -12.33 1.97 21.42
CA LYS A 318 -13.02 0.78 20.96
C LYS A 318 -14.52 1.02 20.83
N ALA A 319 -15.11 1.71 21.79
CA ALA A 319 -16.54 1.99 21.71
C ALA A 319 -16.86 2.89 20.52
N ASP A 320 -15.98 3.86 20.24
N ASP A 320 -15.98 3.84 20.21
CA ASP A 320 -16.16 4.72 19.07
CA ASP A 320 -16.23 4.70 19.06
C ASP A 320 -16.06 3.91 17.80
C ASP A 320 -16.04 3.93 17.75
N ILE A 321 -15.04 3.06 17.69
CA ILE A 321 -14.88 2.16 16.55
C ILE A 321 -16.15 1.35 16.34
N ASN A 322 -16.69 0.79 17.42
CA ASN A 322 -17.90 -0.04 17.29
C ASN A 322 -19.09 0.79 16.83
N LYS A 323 -19.18 2.05 17.24
CA LYS A 323 -20.24 2.92 16.73
C LYS A 323 -20.08 3.16 15.24
N TRP A 324 -18.85 3.47 14.80
CA TRP A 324 -18.62 3.71 13.38
C TRP A 324 -18.84 2.46 12.54
N ARG A 325 -18.68 1.27 13.13
CA ARG A 325 -18.86 0.04 12.38
C ARG A 325 -20.29 -0.18 11.91
N ILE A 326 -21.28 0.44 12.56
CA ILE A 326 -22.67 0.17 12.20
C ILE A 326 -22.91 0.46 10.72
N LYS A 327 -22.41 1.62 10.24
CA LYS A 327 -22.62 1.96 8.84
C LYS A 327 -21.89 1.01 7.90
N LEU A 328 -20.77 0.44 8.34
CA LEU A 328 -20.06 -0.55 7.52
C LEU A 328 -20.89 -1.83 7.39
N ASP A 329 -21.45 -2.29 8.51
CA ASP A 329 -22.30 -3.47 8.46
C ASP A 329 -23.48 -3.24 7.52
N ASP A 330 -24.10 -2.07 7.62
CA ASP A 330 -25.22 -1.76 6.74
C ASP A 330 -24.79 -1.76 5.28
N TYR A 331 -23.66 -1.12 4.98
CA TYR A 331 -23.19 -1.02 3.60
C TYR A 331 -22.94 -2.41 3.01
N SER A 332 -22.45 -3.33 3.83
CA SER A 332 -21.95 -4.60 3.33
C SER A 332 -23.04 -5.46 2.71
N THR A 333 -24.31 -5.20 3.00
CA THR A 333 -25.40 -6.00 2.44
C THR A 333 -26.19 -5.25 1.38
N GLN A 334 -25.75 -4.07 0.98
CA GLN A 334 -26.43 -3.29 -0.05
C GLN A 334 -25.99 -3.74 -1.44
N GLU A 335 -26.87 -3.53 -2.40
CA GLU A 335 -26.55 -3.88 -3.78
C GLU A 335 -25.48 -2.94 -4.33
N LEU A 336 -24.38 -3.50 -4.83
CA LEU A 336 -23.35 -2.75 -5.52
C LEU A 336 -23.65 -2.60 -7.00
N GLY A 337 -24.28 -3.62 -7.58
CA GLY A 337 -24.56 -3.70 -8.99
C GLY A 337 -25.18 -5.06 -9.22
N LYS A 338 -25.34 -5.41 -10.50
CA LYS A 338 -25.98 -6.66 -10.86
C LYS A 338 -25.11 -7.46 -11.81
N THR A 339 -25.27 -8.77 -11.73
CA THR A 339 -24.80 -9.69 -12.76
C THR A 339 -25.99 -10.40 -13.38
N ILE A 340 -25.93 -10.57 -14.70
CA ILE A 340 -26.90 -11.37 -15.43
C ILE A 340 -26.39 -12.76 -15.74
N VAL A 341 -25.16 -13.07 -15.33
CA VAL A 341 -24.54 -14.38 -15.50
C VAL A 341 -24.17 -14.96 -14.14
N TYR A 342 -24.19 -16.29 -14.06
CA TYR A 342 -23.57 -16.94 -12.91
C TYR A 342 -22.09 -16.59 -12.90
N LEU A 343 -21.59 -16.23 -11.73
CA LEU A 343 -20.17 -15.89 -11.58
C LEU A 343 -19.47 -17.14 -11.03
N ASP A 344 -18.86 -17.88 -11.93
CA ASP A 344 -18.30 -19.20 -11.62
C ASP A 344 -16.91 -19.03 -11.02
N GLY A 345 -16.90 -18.99 -9.68
CA GLY A 345 -15.70 -19.01 -8.87
C GLY A 345 -15.48 -20.34 -8.21
N SER A 346 -16.07 -21.41 -8.75
CA SER A 346 -15.85 -22.75 -8.21
C SER A 346 -14.41 -23.18 -8.46
N SER A 347 -13.88 -24.00 -7.55
CA SER A 347 -12.53 -24.52 -7.76
C SER A 347 -12.49 -25.49 -8.93
N GLN A 348 -13.57 -26.25 -9.14
CA GLN A 348 -13.60 -27.19 -10.24
C GLN A 348 -13.43 -26.50 -11.58
N SER A 349 -13.85 -25.23 -11.67
CA SER A 349 -13.57 -24.43 -12.85
C SER A 349 -12.23 -23.70 -12.73
N CYS A 350 -12.08 -22.85 -11.71
CA CYS A 350 -10.99 -21.88 -11.72
C CYS A 350 -9.62 -22.48 -11.46
N ARG A 351 -9.53 -23.71 -10.96
CA ARG A 351 -8.25 -24.38 -10.82
C ARG A 351 -7.94 -25.31 -11.99
N PHE A 352 -8.81 -25.34 -13.01
CA PHE A 352 -8.66 -26.26 -14.14
C PHE A 352 -8.73 -25.60 -15.51
N ARG A 353 -9.39 -24.45 -15.64
CA ARG A 353 -9.58 -23.84 -16.96
C ARG A 353 -9.96 -22.39 -16.73
N GLU A 354 -10.07 -21.65 -17.82
CA GLU A 354 -10.58 -20.28 -17.75
C GLU A 354 -11.94 -20.29 -17.08
N CYS A 355 -12.13 -19.40 -16.10
CA CYS A 355 -13.42 -19.28 -15.42
C CYS A 355 -13.85 -17.82 -15.45
N ASN A 356 -15.16 -17.59 -15.56
CA ASN A 356 -15.60 -16.22 -15.78
C ASN A 356 -15.45 -15.34 -14.53
N MET A 357 -15.41 -15.92 -13.33
CA MET A 357 -15.07 -15.12 -12.16
C MET A 357 -13.64 -14.59 -12.25
N GLY A 358 -12.72 -15.43 -12.71
CA GLY A 358 -11.35 -14.99 -12.89
C GLY A 358 -11.24 -13.87 -13.90
N ASN A 359 -11.96 -13.98 -15.02
CA ASN A 359 -11.96 -12.91 -16.01
C ASN A 359 -12.50 -11.62 -15.43
N LEU A 360 -13.59 -11.69 -14.66
CA LEU A 360 -14.16 -10.51 -14.02
C LEU A 360 -13.12 -9.84 -13.12
N ILE A 361 -12.47 -10.61 -12.26
CA ILE A 361 -11.56 -10.03 -11.31
C ILE A 361 -10.36 -9.42 -12.01
N CYS A 362 -9.80 -10.11 -13.00
CA CYS A 362 -8.70 -9.53 -13.75
C CYS A 362 -9.12 -8.28 -14.53
N ASP A 363 -10.33 -8.28 -15.08
CA ASP A 363 -10.77 -7.08 -15.78
C ASP A 363 -10.94 -5.92 -14.81
N ALA A 364 -11.40 -6.20 -13.60
CA ALA A 364 -11.49 -5.18 -12.55
C ALA A 364 -10.11 -4.68 -12.16
N MET A 365 -9.13 -5.59 -12.07
CA MET A 365 -7.76 -5.23 -11.76
C MET A 365 -7.20 -4.26 -12.80
N ILE A 366 -7.38 -4.58 -14.08
CA ILE A 366 -6.87 -3.70 -15.13
C ILE A 366 -7.58 -2.36 -15.06
N ASN A 367 -8.90 -2.36 -14.88
CA ASN A 367 -9.63 -1.10 -14.82
C ASN A 367 -9.16 -0.22 -13.65
N ASN A 368 -8.86 -0.84 -12.49
CA ASN A 368 -8.39 -0.10 -11.32
C ASN A 368 -7.05 0.56 -11.57
N ASN A 369 -6.26 0.02 -12.50
CA ASN A 369 -4.93 0.51 -12.80
C ASN A 369 -4.88 1.37 -14.07
N LEU A 370 -6.01 1.88 -14.52
CA LEU A 370 -6.02 2.90 -15.56
C LEU A 370 -5.61 4.21 -14.93
N ARG A 371 -4.47 4.72 -15.36
CA ARG A 371 -3.89 5.95 -14.86
C ARG A 371 -3.67 6.88 -16.05
N HIS A 372 -3.29 8.12 -15.79
CA HIS A 372 -3.13 9.03 -16.90
C HIS A 372 -1.95 8.60 -17.75
N ALA A 373 -2.07 8.80 -19.05
CA ALA A 373 -1.09 8.31 -20.00
C ALA A 373 -0.66 9.43 -20.90
N ASP A 374 0.59 9.37 -21.33
CA ASP A 374 1.12 10.31 -22.30
C ASP A 374 0.91 9.72 -23.70
N GLU A 375 1.63 10.25 -24.69
CA GLU A 375 1.51 9.77 -26.05
C GLU A 375 2.25 8.47 -26.28
N MET A 376 2.91 7.91 -25.26
CA MET A 376 3.73 6.72 -25.44
C MET A 376 3.04 5.42 -25.04
N PHE A 377 1.85 5.47 -24.44
CA PHE A 377 1.14 4.25 -24.12
C PHE A 377 -0.34 4.59 -23.95
N TRP A 378 -1.21 3.64 -24.26
CA TRP A 378 -2.63 3.86 -24.02
C TRP A 378 -2.92 3.78 -22.53
N ASN A 379 -2.25 2.86 -21.84
CA ASN A 379 -2.20 2.77 -20.39
C ASN A 379 -0.88 2.12 -20.04
N HIS A 380 -0.37 2.42 -18.84
CA HIS A 380 0.96 1.94 -18.49
C HIS A 380 0.99 0.44 -18.23
N VAL A 381 -0.14 -0.18 -17.94
CA VAL A 381 -0.23 -1.60 -17.65
C VAL A 381 -1.46 -2.18 -18.34
N SER A 382 -1.32 -3.41 -18.83
CA SER A 382 -2.35 -4.06 -19.63
C SER A 382 -2.62 -5.50 -19.22
N MET A 383 -1.91 -6.05 -18.23
CA MET A 383 -1.84 -7.48 -17.98
C MET A 383 -2.11 -7.79 -16.52
N CYS A 384 -2.71 -8.96 -16.31
CA CYS A 384 -3.16 -9.42 -15.01
C CYS A 384 -2.99 -10.93 -14.90
N ILE A 385 -2.55 -11.41 -13.74
CA ILE A 385 -2.64 -12.82 -13.41
C ILE A 385 -3.23 -12.96 -12.01
N LEU A 386 -3.94 -14.07 -11.80
CA LEU A 386 -4.68 -14.30 -10.57
C LEU A 386 -4.74 -15.80 -10.34
N ASN A 387 -4.16 -16.29 -9.26
CA ASN A 387 -4.19 -17.72 -9.01
C ASN A 387 -5.60 -18.19 -8.65
N GLY A 388 -6.00 -19.33 -9.22
CA GLY A 388 -7.31 -19.88 -8.91
C GLY A 388 -7.52 -20.16 -7.43
N GLY A 389 -6.43 -20.48 -6.72
CA GLY A 389 -6.52 -20.66 -5.28
C GLY A 389 -6.93 -19.41 -4.52
N GLY A 390 -6.85 -18.25 -5.15
CA GLY A 390 -7.30 -17.03 -4.52
C GLY A 390 -8.77 -16.73 -4.72
N ILE A 391 -9.47 -17.54 -5.50
CA ILE A 391 -10.90 -17.34 -5.79
C ILE A 391 -11.63 -18.38 -4.98
N ARG A 392 -12.42 -17.95 -3.98
CA ARG A 392 -12.87 -18.85 -2.93
C ARG A 392 -14.37 -19.12 -2.95
N SER A 393 -15.11 -18.57 -3.89
CA SER A 393 -16.54 -18.81 -3.98
C SER A 393 -17.07 -18.36 -5.33
N PRO A 394 -18.15 -18.98 -5.80
CA PRO A 394 -18.96 -18.38 -6.86
C PRO A 394 -19.91 -17.35 -6.28
N ILE A 395 -20.59 -16.63 -7.17
CA ILE A 395 -21.72 -15.77 -6.84
C ILE A 395 -22.87 -16.13 -7.76
N ASP A 396 -24.00 -16.50 -7.16
N ASP A 396 -23.99 -16.52 -7.14
CA ASP A 396 -25.18 -16.88 -7.91
CA ASP A 396 -25.23 -16.84 -7.85
C ASP A 396 -25.98 -15.65 -8.31
C ASP A 396 -25.88 -15.56 -8.35
N GLU A 397 -26.39 -15.60 -9.58
CA GLU A 397 -27.08 -14.46 -10.18
C GLU A 397 -28.58 -14.46 -9.91
N ARG A 398 -29.11 -15.45 -9.21
CA ARG A 398 -30.56 -15.59 -9.09
C ARG A 398 -31.12 -14.89 -7.85
N ASN A 399 -30.33 -14.06 -7.17
CA ASN A 399 -30.85 -13.14 -6.15
C ASN A 399 -31.16 -11.79 -6.81
N ASP A 400 -32.01 -11.85 -7.85
CA ASP A 400 -32.35 -10.70 -8.67
C ASP A 400 -31.10 -10.04 -9.27
N GLY A 401 -30.05 -10.82 -9.50
CA GLY A 401 -28.80 -10.32 -10.04
C GLY A 401 -27.94 -9.58 -9.04
N THR A 402 -28.42 -9.34 -7.82
CA THR A 402 -27.70 -8.50 -6.87
C THR A 402 -26.34 -9.09 -6.52
N ILE A 403 -25.35 -8.20 -6.41
CA ILE A 403 -24.05 -8.49 -5.83
C ILE A 403 -23.84 -7.51 -4.69
N THR A 404 -23.47 -8.03 -3.52
CA THR A 404 -23.15 -7.21 -2.36
C THR A 404 -21.67 -7.35 -2.00
N TRP A 405 -21.22 -6.44 -1.15
CA TRP A 405 -19.85 -6.54 -0.62
C TRP A 405 -19.65 -7.86 0.10
N GLU A 406 -20.63 -8.28 0.88
CA GLU A 406 -20.54 -9.55 1.58
C GLU A 406 -20.32 -10.70 0.60
N ASN A 407 -21.03 -10.69 -0.54
CA ASN A 407 -20.80 -11.72 -1.55
C ASN A 407 -19.34 -11.70 -2.03
N LEU A 408 -18.83 -10.50 -2.32
CA LEU A 408 -17.45 -10.41 -2.78
C LEU A 408 -16.45 -10.87 -1.72
N ALA A 409 -16.76 -10.63 -0.44
CA ALA A 409 -15.88 -11.06 0.62
C ALA A 409 -15.82 -12.57 0.73
N ALA A 410 -16.84 -13.29 0.27
CA ALA A 410 -16.74 -14.74 0.19
C ALA A 410 -15.81 -15.19 -0.92
N VAL A 411 -15.77 -14.43 -2.02
CA VAL A 411 -14.87 -14.75 -3.13
C VAL A 411 -13.43 -14.45 -2.76
N LEU A 412 -13.21 -13.33 -2.07
CA LEU A 412 -11.89 -12.77 -1.76
C LEU A 412 -11.84 -12.51 -0.26
N PRO A 413 -11.56 -13.54 0.54
CA PRO A 413 -11.73 -13.44 1.99
C PRO A 413 -10.46 -13.11 2.77
N PHE A 414 -9.32 -12.91 2.09
CA PHE A 414 -8.02 -12.90 2.76
C PHE A 414 -7.48 -11.50 3.04
N GLY A 415 -8.16 -10.45 2.58
CA GLY A 415 -7.75 -9.09 2.92
C GLY A 415 -6.53 -8.60 2.19
N GLY A 416 -6.20 -9.21 1.04
CA GLY A 416 -5.03 -8.84 0.29
C GLY A 416 -5.26 -7.65 -0.62
N THR A 417 -4.25 -7.39 -1.44
CA THR A 417 -4.25 -6.29 -2.39
C THR A 417 -3.90 -6.83 -3.77
N PHE A 418 -4.21 -6.04 -4.79
CA PHE A 418 -3.85 -6.33 -6.16
C PHE A 418 -2.75 -5.35 -6.56
N ASP A 419 -1.53 -5.85 -6.61
CA ASP A 419 -0.30 -5.07 -6.67
C ASP A 419 0.22 -4.96 -8.10
N LEU A 420 1.15 -4.04 -8.30
CA LEU A 420 1.80 -3.81 -9.58
C LEU A 420 3.24 -4.30 -9.48
N VAL A 421 3.65 -5.16 -10.41
CA VAL A 421 5.03 -5.61 -10.50
C VAL A 421 5.55 -5.44 -11.91
N GLN A 422 6.87 -5.42 -12.01
CA GLN A 422 7.58 -5.51 -13.28
C GLN A 422 8.31 -6.84 -13.33
N LEU A 423 8.03 -7.62 -14.39
CA LEU A 423 8.57 -8.97 -14.59
C LEU A 423 9.14 -9.08 -15.99
N LYS A 424 10.34 -9.65 -16.13
CA LYS A 424 10.80 -10.07 -17.44
C LYS A 424 9.86 -11.11 -18.03
N GLY A 425 9.78 -11.11 -19.36
CA GLY A 425 9.03 -12.15 -20.03
C GLY A 425 9.44 -13.54 -19.63
N SER A 426 10.74 -13.77 -19.45
CA SER A 426 11.21 -15.10 -19.05
C SER A 426 10.61 -15.51 -17.71
N THR A 427 10.51 -14.57 -16.77
CA THR A 427 9.89 -14.85 -15.48
C THR A 427 8.42 -15.18 -15.64
N LEU A 428 7.72 -14.41 -16.47
N LEU A 428 7.71 -14.40 -16.46
CA LEU A 428 6.29 -14.65 -16.68
CA LEU A 428 6.30 -14.68 -16.70
C LEU A 428 6.06 -16.00 -17.35
C LEU A 428 6.12 -16.06 -17.29
N LYS A 429 6.93 -16.39 -18.29
CA LYS A 429 6.83 -17.73 -18.89
C LYS A 429 7.02 -18.81 -17.83
N LYS A 430 8.01 -18.64 -16.96
CA LYS A 430 8.18 -19.61 -15.87
C LYS A 430 6.95 -19.66 -14.98
N ALA A 431 6.30 -18.52 -14.72
CA ALA A 431 5.09 -18.55 -13.92
C ALA A 431 3.98 -19.35 -14.61
N PHE A 432 3.82 -19.19 -15.92
CA PHE A 432 2.82 -19.98 -16.63
C PHE A 432 3.18 -21.47 -16.69
N GLU A 433 4.47 -21.80 -16.74
CA GLU A 433 4.83 -23.22 -16.62
C GLU A 433 4.47 -23.74 -15.23
N HIS A 434 4.73 -22.95 -14.20
CA HIS A 434 4.40 -23.37 -12.84
C HIS A 434 2.90 -23.58 -12.68
N SER A 435 2.10 -22.72 -13.35
CA SER A 435 0.65 -22.79 -13.34
C SER A 435 0.10 -24.17 -13.67
N VAL A 436 0.80 -24.94 -14.52
CA VAL A 436 0.32 -26.24 -14.96
C VAL A 436 1.32 -27.38 -14.72
N HIS A 437 2.35 -27.14 -13.88
CA HIS A 437 3.42 -28.14 -13.72
C HIS A 437 2.92 -29.44 -13.13
N ARG A 438 1.86 -29.41 -12.34
CA ARG A 438 1.27 -30.61 -11.76
C ARG A 438 -0.22 -30.63 -12.03
N TYR A 439 -0.61 -30.15 -13.22
CA TYR A 439 -2.01 -30.00 -13.58
C TYR A 439 -2.79 -31.28 -13.32
N GLY A 440 -4.02 -31.11 -12.84
CA GLY A 440 -4.94 -32.21 -12.64
C GLY A 440 -5.29 -32.50 -11.20
N GLN A 441 -4.66 -31.81 -10.26
CA GLN A 441 -4.82 -32.07 -8.82
C GLN A 441 -5.62 -31.00 -8.09
N SER A 442 -6.24 -30.06 -8.80
CA SER A 442 -7.00 -29.00 -8.16
C SER A 442 -6.13 -28.19 -7.19
N THR A 443 -4.94 -27.83 -7.65
CA THR A 443 -4.03 -27.01 -6.87
C THR A 443 -4.20 -25.53 -7.22
N GLY A 444 -3.80 -24.67 -6.29
CA GLY A 444 -4.15 -23.27 -6.36
C GLY A 444 -3.40 -22.43 -7.37
N GLU A 445 -2.28 -22.92 -7.91
CA GLU A 445 -1.41 -22.09 -8.72
C GLU A 445 -1.91 -21.86 -10.15
N PHE A 446 -2.94 -22.58 -10.61
CA PHE A 446 -3.45 -22.38 -11.96
C PHE A 446 -3.90 -20.93 -12.13
N LEU A 447 -3.44 -20.27 -13.21
CA LEU A 447 -3.61 -18.83 -13.37
C LEU A 447 -4.79 -18.43 -14.24
N GLN A 448 -5.65 -17.59 -13.68
CA GLN A 448 -6.60 -16.80 -14.45
C GLN A 448 -5.88 -15.54 -14.92
N VAL A 449 -6.39 -14.93 -16.00
CA VAL A 449 -5.63 -13.90 -16.69
C VAL A 449 -6.50 -12.77 -17.22
N GLY A 450 -5.84 -11.66 -17.52
CA GLY A 450 -6.37 -10.59 -18.33
C GLY A 450 -5.24 -9.97 -19.14
N GLY A 451 -5.52 -9.62 -20.39
CA GLY A 451 -4.49 -9.06 -21.24
C GLY A 451 -3.41 -10.05 -21.63
N ILE A 452 -3.70 -11.33 -21.46
CA ILE A 452 -2.78 -12.42 -21.78
C ILE A 452 -3.62 -13.53 -22.39
N HIS A 453 -3.11 -14.13 -23.48
CA HIS A 453 -3.70 -15.31 -24.10
C HIS A 453 -2.64 -16.40 -24.06
N VAL A 454 -2.96 -17.50 -23.38
CA VAL A 454 -2.02 -18.61 -23.21
C VAL A 454 -2.64 -19.88 -23.79
N VAL A 455 -1.78 -20.71 -24.38
CA VAL A 455 -2.16 -22.05 -24.84
C VAL A 455 -1.18 -23.03 -24.23
N TYR A 456 -1.71 -24.07 -23.59
CA TYR A 456 -0.93 -25.13 -23.01
C TYR A 456 -1.07 -26.40 -23.84
N ASP A 457 -0.01 -27.22 -23.85
CA ASP A 457 -0.08 -28.59 -24.36
C ASP A 457 0.36 -29.48 -23.21
N LEU A 458 -0.61 -30.07 -22.52
CA LEU A 458 -0.33 -30.86 -21.33
C LEU A 458 0.37 -32.19 -21.65
N SER A 459 0.44 -32.58 -22.92
CA SER A 459 1.19 -33.78 -23.27
C SER A 459 2.70 -33.57 -23.20
N ARG A 460 3.15 -32.33 -23.12
CA ARG A 460 4.57 -32.03 -23.01
C ARG A 460 5.03 -32.16 -21.55
N LYS A 461 6.35 -32.18 -21.38
CA LYS A 461 6.93 -32.33 -20.04
C LYS A 461 6.64 -31.10 -19.19
N PRO A 462 6.45 -31.27 -17.88
CA PRO A 462 6.38 -30.10 -16.99
C PRO A 462 7.58 -29.19 -17.23
N GLY A 463 7.30 -27.88 -17.27
CA GLY A 463 8.30 -26.90 -17.61
C GLY A 463 8.35 -26.54 -19.08
N ASP A 464 7.67 -27.31 -19.94
CA ASP A 464 7.68 -27.08 -21.37
C ASP A 464 6.28 -27.20 -21.96
N ARG A 465 5.25 -26.85 -21.18
CA ARG A 465 3.87 -27.00 -21.57
C ARG A 465 3.26 -25.74 -22.19
N VAL A 466 3.89 -24.59 -22.06
CA VAL A 466 3.35 -23.36 -22.63
C VAL A 466 3.78 -23.33 -24.10
N VAL A 467 2.81 -23.43 -25.01
CA VAL A 467 3.11 -23.45 -26.44
C VAL A 467 2.75 -22.15 -27.13
N LYS A 468 1.98 -21.27 -26.50
CA LYS A 468 1.73 -19.94 -27.06
C LYS A 468 1.46 -19.02 -25.87
N LEU A 469 2.04 -17.83 -25.93
CA LEU A 469 1.86 -16.85 -24.85
C LEU A 469 1.93 -15.48 -25.50
N ASP A 470 0.77 -14.85 -25.66
CA ASP A 470 0.64 -13.54 -26.29
C ASP A 470 0.13 -12.56 -25.25
N VAL A 471 0.58 -11.32 -25.33
CA VAL A 471 0.29 -10.32 -24.32
C VAL A 471 -0.14 -9.01 -24.98
N LEU A 472 -1.01 -8.30 -24.28
CA LEU A 472 -1.56 -7.05 -24.78
C LEU A 472 -0.51 -5.94 -24.70
N CYS A 473 -0.27 -5.26 -25.81
CA CYS A 473 0.72 -4.18 -25.83
C CYS A 473 0.24 -3.03 -24.96
N THR A 474 1.21 -2.28 -24.44
CA THR A 474 1.00 -0.99 -23.79
C THR A 474 1.48 0.16 -24.66
N SER A 475 2.65 0.02 -25.27
CA SER A 475 3.25 1.06 -26.10
C SER A 475 2.67 0.97 -27.51
N CYS A 476 1.41 1.38 -27.60
CA CYS A 476 0.62 1.21 -28.82
C CYS A 476 -0.63 2.04 -28.64
N ARG A 477 -1.14 2.57 -29.74
CA ARG A 477 -2.37 3.36 -29.70
C ARG A 477 -3.60 2.49 -29.86
N VAL A 478 -3.47 1.35 -30.53
CA VAL A 478 -4.52 0.34 -30.64
C VAL A 478 -4.04 -0.89 -29.89
N PRO A 479 -4.66 -1.27 -28.77
CA PRO A 479 -4.19 -2.46 -28.05
C PRO A 479 -4.39 -3.70 -28.90
N SER A 480 -3.36 -4.54 -28.96
CA SER A 480 -3.41 -5.80 -29.66
C SER A 480 -2.41 -6.73 -29.00
N TYR A 481 -2.50 -8.01 -29.34
CA TYR A 481 -1.68 -9.03 -28.74
C TYR A 481 -0.48 -9.37 -29.60
N ASP A 482 0.66 -9.54 -28.95
N ASP A 482 0.67 -9.51 -28.97
CA ASP A 482 1.90 -9.91 -29.61
CA ASP A 482 1.85 -9.98 -29.68
C ASP A 482 2.57 -10.98 -28.77
C ASP A 482 2.56 -10.99 -28.80
N PRO A 483 3.42 -11.81 -29.39
CA PRO A 483 4.11 -12.83 -28.60
C PRO A 483 4.91 -12.22 -27.47
N LEU A 484 4.87 -12.87 -26.33
CA LEU A 484 5.73 -12.48 -25.23
C LEU A 484 7.19 -12.58 -25.65
N LYS A 485 7.97 -11.59 -25.23
CA LYS A 485 9.41 -11.51 -25.49
C LYS A 485 10.17 -11.76 -24.19
N MET A 486 11.15 -12.66 -24.24
CA MET A 486 11.77 -13.14 -23.01
C MET A 486 12.56 -12.06 -22.27
N ASP A 487 13.16 -11.13 -22.99
N ASP A 487 13.16 -11.11 -23.00
CA ASP A 487 14.03 -10.13 -22.39
CA ASP A 487 13.96 -10.06 -22.39
C ASP A 487 13.30 -8.84 -22.06
C ASP A 487 13.14 -8.86 -21.96
N GLU A 488 12.02 -8.74 -22.39
N GLU A 488 11.97 -8.66 -22.55
CA GLU A 488 11.30 -7.49 -22.19
CA GLU A 488 11.20 -7.47 -22.26
C GLU A 488 10.57 -7.50 -20.86
C GLU A 488 10.65 -7.52 -20.83
N VAL A 489 10.50 -6.34 -20.25
CA VAL A 489 9.92 -6.18 -18.93
C VAL A 489 8.47 -5.76 -19.07
N TYR A 490 7.60 -6.51 -18.43
CA TYR A 490 6.17 -6.28 -18.47
C TYR A 490 5.66 -5.87 -17.10
N LYS A 491 4.77 -4.88 -17.09
CA LYS A 491 3.98 -4.61 -15.90
C LYS A 491 2.82 -5.59 -15.82
N VAL A 492 2.60 -6.12 -14.62
CA VAL A 492 1.55 -7.09 -14.36
C VAL A 492 0.88 -6.73 -13.05
N ILE A 493 -0.45 -6.78 -13.03
N ILE A 493 -0.44 -6.82 -13.02
CA ILE A 493 -1.21 -6.68 -11.79
CA ILE A 493 -1.22 -6.68 -11.80
C ILE A 493 -1.45 -8.08 -11.29
C ILE A 493 -1.51 -8.07 -11.27
N LEU A 494 -1.23 -8.31 -9.99
CA LEU A 494 -1.39 -9.64 -9.43
C LEU A 494 -1.58 -9.54 -7.92
N PRO A 495 -2.07 -10.58 -7.27
CA PRO A 495 -2.25 -10.51 -5.82
C PRO A 495 -0.92 -10.35 -5.09
N ASN A 496 -0.96 -9.61 -3.97
CA ASN A 496 0.23 -9.54 -3.12
C ASN A 496 0.73 -10.93 -2.76
N PHE A 497 -0.21 -11.88 -2.57
N PHE A 497 -0.19 -11.90 -2.60
CA PHE A 497 0.15 -13.26 -2.23
CA PHE A 497 0.23 -13.24 -2.20
C PHE A 497 1.15 -13.81 -3.22
C PHE A 497 1.14 -13.88 -3.24
N LEU A 498 0.94 -13.57 -4.53
CA LEU A 498 1.84 -14.08 -5.56
C LEU A 498 3.12 -13.26 -5.65
N ALA A 499 3.03 -11.94 -5.49
CA ALA A 499 4.24 -11.13 -5.50
C ALA A 499 5.19 -11.57 -4.41
N ASN A 500 4.65 -12.09 -3.30
CA ASN A 500 5.42 -12.59 -2.17
C ASN A 500 5.83 -14.05 -2.33
N GLY A 501 5.57 -14.67 -3.49
CA GLY A 501 5.99 -16.03 -3.74
C GLY A 501 5.02 -17.10 -3.30
N GLY A 502 3.78 -16.73 -2.99
CA GLY A 502 2.81 -17.71 -2.58
C GLY A 502 2.45 -18.68 -3.69
N ASP A 503 1.87 -19.79 -3.28
CA ASP A 503 1.45 -20.85 -4.21
C ASP A 503 2.62 -21.33 -5.07
N GLY A 504 3.83 -21.26 -4.54
CA GLY A 504 4.99 -21.77 -5.22
C GLY A 504 5.57 -20.85 -6.29
N PHE A 505 5.08 -19.63 -6.40
CA PHE A 505 5.59 -18.69 -7.40
C PHE A 505 6.87 -18.00 -6.93
N GLN A 506 7.86 -18.80 -6.54
CA GLN A 506 9.11 -18.25 -6.03
C GLN A 506 9.83 -17.42 -7.09
N MET A 507 9.66 -17.77 -8.36
CA MET A 507 10.32 -17.02 -9.44
C MET A 507 9.84 -15.58 -9.48
N ILE A 508 8.56 -15.33 -9.16
CA ILE A 508 8.07 -13.95 -9.16
C ILE A 508 8.76 -13.15 -8.06
N LYS A 509 8.74 -13.68 -6.83
CA LYS A 509 9.39 -13.00 -5.73
C LYS A 509 10.87 -12.75 -6.01
N ASP A 510 11.56 -13.75 -6.55
CA ASP A 510 13.00 -13.67 -6.68
C ASP A 510 13.45 -12.85 -7.88
N GLU A 511 12.63 -12.77 -8.93
CA GLU A 511 13.08 -12.16 -10.18
C GLU A 511 12.42 -10.83 -10.49
N LEU A 512 11.39 -10.43 -9.75
CA LEU A 512 10.71 -9.18 -10.09
C LEU A 512 11.68 -8.01 -9.97
N LEU A 513 11.46 -7.01 -10.83
N LEU A 513 11.42 -6.98 -10.78
CA LEU A 513 12.28 -5.80 -10.86
CA LEU A 513 12.28 -5.81 -10.87
C LEU A 513 11.73 -4.69 -9.98
C LEU A 513 11.69 -4.59 -10.16
N ARG A 514 10.40 -4.63 -9.83
CA ARG A 514 9.75 -3.59 -9.06
C ARG A 514 8.46 -4.18 -8.52
N HIS A 515 8.02 -3.69 -7.35
N HIS A 515 8.10 -3.76 -7.32
CA HIS A 515 6.80 -4.17 -6.70
CA HIS A 515 6.83 -4.08 -6.71
C HIS A 515 6.24 -3.05 -5.85
C HIS A 515 6.31 -2.85 -6.00
N ASP A 516 5.01 -2.61 -6.13
CA ASP A 516 4.31 -1.58 -5.36
C ASP A 516 2.95 -2.10 -4.95
N SER A 517 2.59 -1.90 -3.69
N SER A 517 2.59 -1.93 -3.68
CA SER A 517 1.32 -2.41 -3.18
CA SER A 517 1.33 -2.47 -3.21
C SER A 517 0.14 -1.64 -3.77
C SER A 517 0.15 -1.66 -3.74
N GLY A 518 -0.91 -2.37 -4.13
CA GLY A 518 -2.08 -1.78 -4.72
C GLY A 518 -3.29 -1.75 -3.81
N ASP A 519 -4.45 -1.61 -4.41
CA ASP A 519 -5.69 -1.43 -3.69
C ASP A 519 -6.20 -2.76 -3.13
N GLN A 520 -7.09 -2.66 -2.13
CA GLN A 520 -7.66 -3.86 -1.54
C GLN A 520 -8.42 -4.68 -2.57
N ASP A 521 -8.26 -6.01 -2.49
CA ASP A 521 -8.86 -6.91 -3.45
C ASP A 521 -10.37 -6.73 -3.60
N ILE A 522 -11.12 -6.79 -2.50
CA ILE A 522 -12.57 -6.63 -2.61
C ILE A 522 -12.91 -5.29 -3.21
N ASN A 523 -12.26 -4.23 -2.74
CA ASN A 523 -12.58 -2.88 -3.18
C ASN A 523 -12.39 -2.74 -4.69
N VAL A 524 -11.33 -3.35 -5.23
CA VAL A 524 -11.10 -3.28 -6.67
C VAL A 524 -12.30 -3.85 -7.42
N VAL A 525 -12.79 -5.00 -6.98
CA VAL A 525 -13.90 -5.63 -7.70
C VAL A 525 -15.20 -4.87 -7.47
N SER A 526 -15.42 -4.41 -6.23
CA SER A 526 -16.65 -3.67 -5.93
CA SER A 526 -16.63 -3.65 -5.91
C SER A 526 -16.73 -2.39 -6.75
N THR A 527 -15.63 -1.65 -6.87
CA THR A 527 -15.65 -0.42 -7.65
C THR A 527 -15.98 -0.70 -9.10
N TYR A 528 -15.39 -1.74 -9.67
CA TYR A 528 -15.64 -2.09 -11.06
C TYR A 528 -17.12 -2.45 -11.27
N ILE A 529 -17.68 -3.28 -10.39
CA ILE A 529 -19.09 -3.66 -10.50
C ILE A 529 -19.98 -2.43 -10.40
N SER A 530 -19.67 -1.55 -9.44
N SER A 530 -19.69 -1.58 -9.41
CA SER A 530 -20.50 -0.35 -9.26
CA SER A 530 -20.46 -0.35 -9.25
C SER A 530 -20.44 0.55 -10.49
C SER A 530 -20.45 0.49 -10.51
N LYS A 531 -19.27 0.65 -11.12
CA LYS A 531 -19.14 1.47 -12.33
C LYS A 531 -19.87 0.85 -13.50
N MET A 532 -19.77 -0.48 -13.64
CA MET A 532 -20.36 -1.16 -14.79
CA MET A 532 -20.36 -1.15 -14.80
C MET A 532 -21.88 -1.29 -14.68
N LYS A 533 -22.40 -1.36 -13.46
CA LYS A 533 -23.82 -1.47 -13.15
C LYS A 533 -24.39 -2.85 -13.42
N VAL A 534 -24.17 -3.39 -14.62
CA VAL A 534 -24.61 -4.72 -15.01
C VAL A 534 -23.42 -5.40 -15.67
N ILE A 535 -23.01 -6.54 -15.13
CA ILE A 535 -21.88 -7.30 -15.66
C ILE A 535 -22.35 -8.62 -16.27
N TYR A 536 -21.55 -9.12 -17.21
CA TYR A 536 -21.82 -10.35 -17.94
C TYR A 536 -20.53 -10.99 -18.45
N PRO A 537 -19.57 -11.26 -17.57
CA PRO A 537 -18.30 -11.84 -18.02
C PRO A 537 -18.51 -13.21 -18.64
N ALA A 538 -17.79 -13.45 -19.73
CA ALA A 538 -17.81 -14.70 -20.48
C ALA A 538 -16.47 -15.42 -20.34
N VAL A 539 -16.49 -16.71 -20.62
CA VAL A 539 -15.30 -17.50 -20.90
C VAL A 539 -15.04 -17.35 -22.40
N GLU A 540 -13.86 -16.85 -22.78
CA GLU A 540 -13.70 -16.36 -24.15
C GLU A 540 -12.41 -16.79 -24.83
N GLY A 541 -11.69 -17.76 -24.28
CA GLY A 541 -10.50 -18.27 -24.93
C GLY A 541 -9.21 -17.61 -24.50
N ARG A 542 -9.19 -16.92 -23.36
CA ARG A 542 -7.93 -16.42 -22.83
C ARG A 542 -6.96 -17.55 -22.49
N ILE A 543 -7.48 -18.71 -22.11
CA ILE A 543 -6.69 -19.88 -21.76
C ILE A 543 -7.23 -21.03 -22.58
N LYS A 544 -6.35 -21.69 -23.33
CA LYS A 544 -6.73 -22.85 -24.13
C LYS A 544 -5.75 -23.99 -23.92
N PHE A 545 -6.23 -25.19 -24.21
CA PHE A 545 -5.45 -26.41 -24.16
C PHE A 545 -5.43 -27.03 -25.56
N SER A 546 -4.23 -27.43 -26.00
CA SER A 546 -4.09 -28.14 -27.25
C SER A 546 -4.71 -29.51 -27.03
CA CA B . 21.14 18.09 12.87
ZN ZN C . 2.67 3.54 -0.59
ZN ZN D . 1.25 1.36 1.34
S DMS E . -3.00 9.57 23.69
O DMS E . -1.61 10.09 23.77
C1 DMS E . -3.97 10.83 22.84
C2 DMS E . -2.98 8.32 22.41
H11 DMS E . -3.48 11.08 21.92
H12 DMS E . -4.03 11.69 23.45
H13 DMS E . -4.94 10.46 22.63
H21 DMS E . -2.28 8.60 21.66
H22 DMS E . -2.70 7.38 22.83
H23 DMS E . -3.94 8.24 21.98
C1 GOL F . -10.55 4.39 -5.32
O1 GOL F . -10.30 4.58 -3.94
C2 GOL F . -9.60 3.30 -5.86
O2 GOL F . -8.27 3.69 -5.79
C3 GOL F . -9.93 2.02 -5.04
O3 GOL F . -10.76 1.20 -5.85
H11 GOL F . -10.41 5.21 -5.83
H12 GOL F . -11.46 4.12 -5.49
HO1 GOL F . -10.56 5.36 -3.75
H2 GOL F . -9.75 3.13 -6.81
HO2 GOL F . -7.79 3.02 -5.98
H31 GOL F . -10.34 2.28 -4.20
H32 GOL F . -9.09 1.59 -4.78
HO3 GOL F . -10.34 0.47 -5.98
S DMS G . -10.58 27.90 -6.99
O DMS G . -10.51 28.60 -8.31
C1 DMS G . -9.13 28.37 -6.02
C2 DMS G . -11.85 28.70 -5.97
H11 DMS G . -9.15 27.87 -5.09
H12 DMS G . -8.24 28.11 -6.54
H13 DMS G . -9.14 29.43 -5.85
H21 DMS G . -11.60 29.70 -5.80
H22 DMS G . -12.78 28.65 -6.47
H23 DMS G . -11.94 28.18 -5.04
S DMS H . -23.34 1.24 -2.52
O DMS H . -22.56 1.11 -3.79
C1 DMS H . -25.11 1.35 -2.93
C2 DMS H . -23.35 -0.35 -1.64
H11 DMS H . -25.30 2.29 -3.39
H12 DMS H . -25.67 1.27 -2.04
H13 DMS H . -25.37 0.57 -3.59
H21 DMS H . -23.82 -0.22 -0.70
H22 DMS H . -22.36 -0.68 -1.50
H23 DMS H . -23.89 -1.06 -2.22
S DMS I . 2.08 -7.92 2.73
O DMS I . 2.04 -8.34 1.30
C1 DMS I . 2.75 -9.22 3.81
C2 DMS I . 3.40 -6.68 2.94
H11 DMS I . 2.87 -8.82 4.79
H12 DMS I . 2.07 -10.03 3.85
H13 DMS I . 3.68 -9.54 3.44
H21 DMS I . 3.16 -5.81 2.38
H22 DMS I . 4.32 -7.08 2.60
H23 DMS I . 3.48 -6.43 3.97
S DMS J . -2.17 -9.92 3.90
O DMS J . -1.72 -9.69 2.51
C1 DMS J . -2.59 -8.30 4.58
C2 DMS J . -3.84 -10.60 3.77
H11 DMS J . -3.28 -7.81 3.95
H12 DMS J . -3.02 -8.42 5.55
H13 DMS J . -1.70 -7.71 4.67
H21 DMS J . -4.35 -10.16 2.95
H22 DMS J . -3.79 -11.65 3.62
H23 DMS J . -4.38 -10.40 4.66
C1 GOL K . -20.25 9.31 10.63
O1 GOL K . -19.10 9.98 10.24
C2 GOL K . -19.84 8.37 11.80
O2 GOL K . -19.74 9.06 13.00
C3 GOL K . -20.93 7.29 11.86
O3 GOL K . -20.99 6.90 13.19
H11 GOL K . -20.65 8.78 9.93
H12 GOL K . -20.95 9.91 10.94
H2 GOL K . -18.97 8.00 11.62
HO2 GOL K . -20.18 8.61 13.59
H31 GOL K . -20.68 6.57 11.25
H32 GOL K . -21.76 7.65 11.52
HO3 GOL K . -21.28 6.10 13.21
S DMS L . -18.67 -6.92 -19.12
O DMS L . -19.21 -7.76 -18.01
C1 DMS L . -18.67 -7.86 -20.67
C2 DMS L . -19.80 -5.54 -19.45
H11 DMS L . -19.56 -8.44 -20.73
H12 DMS L . -18.63 -7.19 -21.49
H13 DMS L . -17.82 -8.50 -20.70
H21 DMS L . -19.24 -4.65 -19.59
H22 DMS L . -20.35 -5.75 -20.33
H23 DMS L . -20.46 -5.42 -18.64
C1 GOL M . 5.25 17.38 22.87
O1 GOL M . 6.17 18.29 23.40
C2 GOL M . 4.38 18.13 21.87
O2 GOL M . 4.62 19.49 21.91
C3 GOL M . 4.64 17.53 20.43
O3 GOL M . 5.82 16.80 20.43
H11 GOL M . 4.69 16.99 23.56
H12 GOL M . 5.69 16.63 22.43
HO1 GOL M . 5.73 18.99 23.61
H2 GOL M . 3.45 17.99 22.10
HO2 GOL M . 5.40 19.63 21.56
H31 GOL M . 4.65 18.27 19.79
H32 GOL M . 3.87 16.99 20.19
HO3 GOL M . 5.60 15.98 20.43
S DMS N . 1.73 24.42 -1.11
O DMS N . 0.82 24.42 0.07
C1 DMS N . 3.10 23.26 -0.79
C2 DMS N . 0.93 23.63 -2.52
H11 DMS N . 2.71 22.35 -0.42
H12 DMS N . 3.63 23.08 -1.68
H13 DMS N . 3.75 23.68 -0.07
H21 DMS N . 1.06 22.58 -2.47
H22 DMS N . 1.36 23.98 -3.43
H23 DMS N . -0.11 23.85 -2.51
S DMS O . -9.23 -15.50 -29.23
O DMS O . -10.45 -14.64 -29.02
C1 DMS O . -9.00 -16.56 -27.78
C2 DMS O . -9.64 -16.77 -30.45
H11 DMS O . -8.94 -15.96 -26.91
H12 DMS O . -9.81 -17.23 -27.70
H13 DMS O . -8.10 -17.11 -27.90
H21 DMS O . -8.85 -17.47 -30.51
H22 DMS O . -9.78 -16.33 -31.40
H23 DMS O . -10.53 -17.28 -30.16
#